data_5YB5
#
_entry.id   5YB5
#
_cell.length_a   70.297
_cell.length_b   70.297
_cell.length_c   121.295
_cell.angle_alpha   90.00
_cell.angle_beta   90.00
_cell.angle_gamma   90.00
#
_symmetry.space_group_name_H-M   'P 43 21 2'
#
loop_
_entity.id
_entity.type
_entity.pdbx_description
1 polymer 'Epoxide hydrolase'
2 non-polymer '(S)-PARA-NITROSTYRENE OXIDE'
3 water water
#
_entity_poly.entity_id   1
_entity_poly.type   'polypeptide(L)'
_entity_poly.pdbx_seq_one_letter_code
;MEEIEHRTVEVNGIKMHVAEKGEGPVVLFLHGFPELWYSWRHQILALSSRGYRAVAPDLRGYGDTEAPVSISSYTGFHIV
GDLIALIDLLGVDQVFLVAHDWGAIIGWYLCTFHPDRVKAYVCLSVPLLHRDPNIRTVDAMRAMYGDDYYICRFQKPGEM
EAQMAEVGTEYVLKNILTTRKPGPPIFPKGEYGTGFNPDMPNSLPSWLTQDDLAYYVSKYEKTGFTGPLNYYRNMNLNWE
LTAPWSGGKIQVPVKFITGELDNVYTSLNMKEYIHGGGFKQDVPNLEEVIVQKNVAHFNNQEAAEEINNHIYDFIKKFLE
HHHHHH
;
_entity_poly.pdbx_strand_id   B
#
# COMPACT_ATOMS: atom_id res chain seq x y z
N MET A 1 -20.79 -0.48 -8.67
CA MET A 1 -20.52 -0.94 -7.31
C MET A 1 -21.27 -2.22 -7.00
N GLU A 2 -22.56 -2.24 -7.33
CA GLU A 2 -23.40 -3.40 -7.08
C GLU A 2 -22.85 -4.63 -7.80
N GLU A 3 -22.37 -4.42 -8.99
CA GLU A 3 -21.85 -5.50 -9.75
C GLU A 3 -20.54 -5.90 -9.15
N ILE A 4 -20.01 -5.20 -8.15
CA ILE A 4 -18.75 -5.64 -7.57
C ILE A 4 -19.07 -6.82 -6.68
N GLU A 5 -18.50 -7.96 -6.96
CA GLU A 5 -18.76 -9.12 -6.18
C GLU A 5 -17.91 -9.19 -4.90
N HIS A 6 -18.51 -9.63 -3.82
CA HIS A 6 -17.78 -9.80 -2.59
C HIS A 6 -17.84 -11.23 -2.10
N ARG A 7 -16.71 -11.84 -1.86
CA ARG A 7 -16.70 -13.17 -1.29
C ARG A 7 -15.61 -13.32 -0.24
N THR A 8 -15.66 -14.45 0.46
CA THR A 8 -14.66 -14.78 1.47
C THR A 8 -14.01 -16.07 1.04
N VAL A 9 -12.68 -16.11 1.05
CA VAL A 9 -11.97 -17.29 0.59
C VAL A 9 -10.99 -17.73 1.68
N GLU A 10 -10.57 -18.98 1.61
CA GLU A 10 -9.60 -19.48 2.58
C GLU A 10 -8.26 -19.46 1.86
N VAL A 11 -7.31 -18.74 2.44
CA VAL A 11 -6.00 -18.62 1.82
C VAL A 11 -4.97 -18.63 2.94
N ASN A 12 -3.98 -19.52 2.84
CA ASN A 12 -2.88 -19.55 3.79
C ASN A 12 -3.33 -19.57 5.26
N GLY A 13 -4.37 -20.33 5.55
CA GLY A 13 -4.83 -20.50 6.91
C GLY A 13 -5.74 -19.39 7.46
N ILE A 14 -5.98 -18.34 6.68
CA ILE A 14 -6.92 -17.28 7.08
C ILE A 14 -8.09 -17.11 6.12
N LYS A 15 -9.11 -16.43 6.61
CA LYS A 15 -10.26 -16.09 5.78
C LYS A 15 -10.12 -14.68 5.22
N MET A 16 -10.12 -14.57 3.90
CA MET A 16 -9.87 -13.27 3.27
C MET A 16 -11.05 -12.76 2.44
N HIS A 17 -11.39 -11.50 2.65
CA HIS A 17 -12.41 -10.82 1.87
C HIS A 17 -11.79 -10.44 0.56
N VAL A 18 -12.37 -10.92 -0.52
CA VAL A 18 -11.95 -10.53 -1.86
C VAL A 18 -13.09 -9.81 -2.55
N ALA A 19 -12.81 -8.64 -3.11
CA ALA A 19 -13.77 -7.94 -3.94
C ALA A 19 -13.36 -8.14 -5.39
N GLU A 20 -14.32 -8.44 -6.25
CA GLU A 20 -14.00 -8.83 -7.61
C GLU A 20 -15.04 -8.25 -8.59
N LYS A 21 -14.60 -7.92 -9.80
CA LYS A 21 -15.52 -7.55 -10.88
C LYS A 21 -14.82 -7.70 -12.22
N GLY A 22 -15.54 -8.24 -13.20
CA GLY A 22 -15.01 -8.36 -14.54
C GLY A 22 -14.52 -9.75 -14.89
N GLU A 23 -14.18 -9.95 -16.16
CA GLU A 23 -13.60 -11.18 -16.65
C GLU A 23 -12.55 -10.85 -17.68
N GLY A 24 -11.56 -11.71 -17.80
CA GLY A 24 -10.41 -11.41 -18.63
C GLY A 24 -9.14 -11.64 -17.85
N PRO A 25 -8.03 -11.08 -18.31
CA PRO A 25 -6.79 -11.23 -17.55
C PRO A 25 -6.96 -10.62 -16.14
N VAL A 26 -6.48 -11.31 -15.10
CA VAL A 26 -6.54 -10.79 -13.75
C VAL A 26 -5.63 -9.58 -13.54
N VAL A 27 -6.20 -8.51 -12.97
CA VAL A 27 -5.43 -7.42 -12.38
C VAL A 27 -5.64 -7.47 -10.86
N LEU A 28 -4.57 -7.80 -10.12
CA LEU A 28 -4.64 -7.95 -8.67
C LEU A 28 -4.20 -6.62 -8.02
N PHE A 29 -5.10 -6.00 -7.27
CA PHE A 29 -4.88 -4.73 -6.60
C PHE A 29 -4.60 -4.85 -5.10
N LEU A 30 -3.48 -4.34 -4.62
CA LEU A 30 -3.07 -4.36 -3.23
C LEU A 30 -3.08 -2.96 -2.60
N HIS A 31 -4.00 -2.70 -1.70
CA HIS A 31 -4.11 -1.44 -1.00
C HIS A 31 -3.07 -1.27 0.07
N GLY A 32 -3.04 -0.09 0.63
CA GLY A 32 -2.12 0.29 1.67
C GLY A 32 -2.73 0.70 2.98
N PHE A 33 -1.98 1.48 3.73
CA PHE A 33 -2.35 1.94 5.02
C PHE A 33 -2.80 3.40 5.00
N PRO A 34 -3.84 3.74 5.74
CA PRO A 34 -4.83 2.85 6.34
C PRO A 34 -6.08 2.69 5.48
N GLU A 35 -5.95 1.89 4.46
CA GLU A 35 -7.01 1.74 3.54
C GLU A 35 -7.76 0.41 3.58
N LEU A 36 -8.42 0.11 2.48
CA LEU A 36 -9.17 -1.08 2.26
C LEU A 36 -9.24 -1.39 0.77
N TRP A 37 -9.94 -2.44 0.45
CA TRP A 37 -10.18 -2.79 -0.91
C TRP A 37 -10.87 -1.59 -1.62
N TYR A 38 -11.66 -0.78 -0.91
CA TYR A 38 -12.46 0.28 -1.37
C TYR A 38 -11.58 1.30 -1.98
N SER A 39 -10.33 1.34 -1.55
CA SER A 39 -9.41 2.30 -2.13
C SER A 39 -9.30 2.19 -3.62
N TRP A 40 -9.55 1.00 -4.14
CA TRP A 40 -9.47 0.75 -5.55
C TRP A 40 -10.78 0.84 -6.32
N ARG A 41 -11.84 1.31 -5.70
CA ARG A 41 -13.18 1.28 -6.32
C ARG A 41 -13.21 1.77 -7.78
N HIS A 42 -12.57 2.92 -8.05
CA HIS A 42 -12.56 3.45 -9.42
C HIS A 42 -11.77 2.56 -10.39
N GLN A 43 -10.69 1.95 -9.92
CA GLN A 43 -9.91 1.07 -10.79
C GLN A 43 -10.64 -0.26 -11.01
N ILE A 44 -11.30 -0.77 -9.97
CA ILE A 44 -12.08 -1.99 -10.14
C ILE A 44 -13.17 -1.74 -11.19
N LEU A 45 -13.88 -0.64 -11.12
CA LEU A 45 -14.87 -0.33 -12.13
C LEU A 45 -14.30 -0.12 -13.52
N ALA A 46 -13.25 0.66 -13.62
CA ALA A 46 -12.67 0.87 -14.90
C ALA A 46 -12.06 -0.36 -15.54
N LEU A 47 -11.22 -1.07 -14.83
CA LEU A 47 -10.59 -2.23 -15.41
C LEU A 47 -11.54 -3.31 -15.77
N SER A 48 -12.58 -3.50 -14.97
CA SER A 48 -13.59 -4.52 -15.27
C SER A 48 -14.33 -4.14 -16.57
N SER A 49 -14.60 -2.85 -16.71
CA SER A 49 -15.30 -2.29 -17.83
C SER A 49 -14.54 -2.46 -19.13
N ARG A 50 -13.23 -2.36 -19.04
CA ARG A 50 -12.30 -2.47 -20.12
C ARG A 50 -11.84 -3.91 -20.43
N GLY A 51 -12.49 -4.90 -19.85
CA GLY A 51 -12.19 -6.29 -20.21
C GLY A 51 -11.18 -7.06 -19.39
N TYR A 52 -11.09 -6.74 -18.10
CA TYR A 52 -10.19 -7.43 -17.20
C TYR A 52 -10.92 -7.96 -15.98
N ARG A 53 -10.34 -8.96 -15.34
CA ARG A 53 -10.85 -9.43 -14.06
C ARG A 53 -10.17 -8.66 -12.94
N ALA A 54 -10.87 -7.68 -12.35
CA ALA A 54 -10.32 -6.87 -11.28
C ALA A 54 -10.47 -7.55 -9.92
N VAL A 55 -9.35 -7.72 -9.22
CA VAL A 55 -9.36 -8.41 -7.94
C VAL A 55 -8.68 -7.55 -6.87
N ALA A 56 -9.44 -7.17 -5.85
CA ALA A 56 -8.92 -6.35 -4.77
C ALA A 56 -9.33 -6.93 -3.43
N PRO A 57 -8.38 -7.61 -2.76
CA PRO A 57 -8.62 -8.09 -1.40
C PRO A 57 -8.45 -7.03 -0.32
N ASP A 58 -9.06 -7.27 0.84
CA ASP A 58 -8.62 -6.65 2.07
C ASP A 58 -7.45 -7.53 2.48
N LEU A 59 -6.28 -6.92 2.70
CA LEU A 59 -5.11 -7.69 3.12
C LEU A 59 -5.27 -8.17 4.56
N ARG A 60 -4.42 -9.11 4.95
CA ARG A 60 -4.42 -9.66 6.30
C ARG A 60 -4.48 -8.50 7.30
N GLY A 61 -5.45 -8.54 8.22
CA GLY A 61 -5.53 -7.56 9.29
C GLY A 61 -6.42 -6.35 9.02
N TYR A 62 -6.87 -6.21 7.77
CA TYR A 62 -7.65 -5.05 7.35
C TYR A 62 -9.10 -5.44 7.06
N GLY A 63 -10.02 -4.50 7.32
CA GLY A 63 -11.38 -4.61 6.84
C GLY A 63 -12.13 -5.87 7.22
N ASP A 64 -12.56 -6.61 6.20
CA ASP A 64 -13.28 -7.86 6.41
C ASP A 64 -12.41 -9.12 6.26
N THR A 65 -11.10 -8.94 6.27
CA THR A 65 -10.18 -10.06 6.27
C THR A 65 -9.74 -10.41 7.70
N GLU A 66 -9.43 -11.66 7.95
CA GLU A 66 -9.07 -12.09 9.26
C GLU A 66 -7.85 -11.36 9.75
N ALA A 67 -7.83 -11.06 11.04
CA ALA A 67 -6.72 -10.38 11.64
C ALA A 67 -6.08 -11.20 12.74
N PRO A 68 -5.00 -11.89 12.44
CA PRO A 68 -4.32 -12.69 13.44
C PRO A 68 -3.78 -11.78 14.51
N VAL A 69 -3.89 -12.26 15.74
CA VAL A 69 -3.46 -11.55 16.91
C VAL A 69 -1.98 -11.30 17.13
N SER A 70 -1.13 -12.20 16.71
CA SER A 70 0.30 -12.11 16.89
C SER A 70 0.93 -11.10 15.99
N ILE A 71 1.72 -10.22 16.57
CA ILE A 71 2.36 -9.18 15.78
C ILE A 71 3.22 -9.88 14.73
N SER A 72 3.83 -10.98 15.11
CA SER A 72 4.70 -11.72 14.19
C SER A 72 3.96 -12.40 13.04
N SER A 73 2.63 -12.38 13.06
CA SER A 73 1.87 -12.91 11.93
C SER A 73 1.78 -11.91 10.76
N TYR A 74 2.59 -10.86 10.83
CA TYR A 74 2.49 -9.76 9.86
C TYR A 74 3.79 -9.47 9.09
N THR A 75 4.64 -10.50 8.93
CA THR A 75 5.80 -10.36 8.07
C THR A 75 5.35 -10.33 6.62
N GLY A 76 6.19 -9.75 5.76
CA GLY A 76 5.95 -9.77 4.34
C GLY A 76 5.72 -11.17 3.81
N PHE A 77 6.33 -12.17 4.45
CA PHE A 77 6.22 -13.55 4.01
C PHE A 77 4.81 -14.10 4.26
N HIS A 78 4.25 -13.77 5.42
CA HIS A 78 2.86 -14.11 5.72
C HIS A 78 1.90 -13.51 4.67
N ILE A 79 2.11 -12.24 4.31
CA ILE A 79 1.20 -11.54 3.38
C ILE A 79 1.32 -12.07 1.96
N VAL A 80 2.55 -12.27 1.50
CA VAL A 80 2.78 -12.87 0.18
C VAL A 80 2.25 -14.31 0.15
N GLY A 81 2.42 -15.01 1.26
CA GLY A 81 1.83 -16.33 1.41
C GLY A 81 0.33 -16.29 1.13
N ASP A 82 -0.37 -15.30 1.71
CA ASP A 82 -1.81 -15.13 1.48
C ASP A 82 -2.11 -14.91 0.00
N LEU A 83 -1.32 -14.04 -0.63
CA LEU A 83 -1.57 -13.66 -2.01
C LEU A 83 -1.27 -14.76 -3.02
N ILE A 84 -0.22 -15.55 -2.76
CA ILE A 84 0.10 -16.71 -3.62
C ILE A 84 -1.01 -17.77 -3.58
N ALA A 85 -1.59 -17.98 -2.41
CA ALA A 85 -2.73 -18.89 -2.28
C ALA A 85 -3.94 -18.33 -3.01
N LEU A 86 -4.13 -17.02 -2.92
CA LEU A 86 -5.22 -16.35 -3.63
C LEU A 86 -5.10 -16.55 -5.13
N ILE A 87 -3.93 -16.25 -5.67
CA ILE A 87 -3.65 -16.35 -7.09
C ILE A 87 -3.92 -17.78 -7.63
N ASP A 88 -3.60 -18.79 -6.82
CA ASP A 88 -3.86 -20.18 -7.14
C ASP A 88 -5.36 -20.44 -7.22
N LEU A 89 -6.09 -19.89 -6.27
CA LEU A 89 -7.56 -19.93 -6.27
C LEU A 89 -8.18 -19.25 -7.48
N LEU A 90 -7.50 -18.25 -8.03
CA LEU A 90 -7.98 -17.58 -9.23
C LEU A 90 -7.75 -18.44 -10.45
N GLY A 91 -6.88 -19.43 -10.29
CA GLY A 91 -6.56 -20.36 -11.36
C GLY A 91 -5.89 -19.72 -12.57
N VAL A 92 -4.92 -18.87 -12.32
CA VAL A 92 -4.15 -18.31 -13.43
C VAL A 92 -2.67 -18.46 -13.17
N ASP A 93 -1.90 -18.46 -14.25
CA ASP A 93 -0.45 -18.58 -14.16
C ASP A 93 0.17 -17.25 -13.75
N GLN A 94 -0.18 -16.19 -14.47
CA GLN A 94 0.33 -14.87 -14.15
C GLN A 94 -0.81 -13.88 -13.87
N VAL A 95 -0.51 -12.84 -13.09
CA VAL A 95 -1.41 -11.70 -12.96
C VAL A 95 -0.73 -10.40 -13.38
N PHE A 96 -1.53 -9.37 -13.63
CA PHE A 96 -0.98 -8.02 -13.65
C PHE A 96 -1.12 -7.55 -12.23
N LEU A 97 -0.13 -6.81 -11.74
CA LEU A 97 -0.13 -6.41 -10.35
C LEU A 97 -0.20 -4.89 -10.26
N VAL A 98 -1.06 -4.38 -9.39
CA VAL A 98 -1.16 -2.94 -9.13
C VAL A 98 -1.21 -2.78 -7.62
N ALA A 99 -0.38 -1.90 -7.06
CA ALA A 99 -0.25 -1.88 -5.62
C ALA A 99 0.09 -0.47 -5.19
N HIS A 100 -0.27 -0.12 -3.96
CA HIS A 100 -0.09 1.24 -3.44
C HIS A 100 0.40 1.13 -1.99
N ASP A 101 1.40 1.93 -1.62
CA ASP A 101 1.78 2.05 -0.21
C ASP A 101 2.24 0.70 0.37
N TRP A 102 1.75 0.29 1.53
CA TRP A 102 2.15 -1.02 2.07
C TRP A 102 1.83 -2.16 1.10
N GLY A 103 0.73 -2.02 0.36
CA GLY A 103 0.39 -2.98 -0.67
C GLY A 103 1.53 -3.07 -1.68
N ALA A 104 2.21 -1.94 -1.92
CA ALA A 104 3.31 -1.93 -2.89
C ALA A 104 4.58 -2.61 -2.34
N ILE A 105 4.83 -2.44 -1.06
CA ILE A 105 5.95 -3.12 -0.42
C ILE A 105 5.74 -4.64 -0.54
N ILE A 106 4.51 -5.06 -0.24
CA ILE A 106 4.18 -6.47 -0.37
C ILE A 106 4.29 -6.89 -1.83
N GLY A 107 3.87 -5.99 -2.73
CA GLY A 107 4.04 -6.24 -4.15
C GLY A 107 5.50 -6.46 -4.55
N TRP A 108 6.41 -5.68 -3.97
CA TRP A 108 7.82 -5.86 -4.24
C TRP A 108 8.31 -7.22 -3.79
N TYR A 109 7.86 -7.66 -2.60
CA TYR A 109 8.16 -9.01 -2.10
C TYR A 109 7.61 -10.10 -3.04
N LEU A 110 6.38 -9.93 -3.50
CA LEU A 110 5.79 -10.91 -4.42
C LEU A 110 6.64 -11.00 -5.68
N CYS A 111 7.08 -9.85 -6.18
CA CYS A 111 7.93 -9.81 -7.37
C CYS A 111 9.32 -10.38 -7.08
N THR A 112 9.79 -10.21 -5.86
CA THR A 112 11.10 -10.76 -5.51
C THR A 112 10.99 -12.29 -5.51
N PHE A 113 10.05 -12.82 -4.75
CA PHE A 113 9.93 -14.27 -4.58
C PHE A 113 9.40 -14.97 -5.82
N HIS A 114 8.48 -14.34 -6.55
CA HIS A 114 7.87 -15.01 -7.71
C HIS A 114 7.65 -14.12 -8.90
N PRO A 115 8.75 -13.66 -9.54
CA PRO A 115 8.62 -12.79 -10.72
C PRO A 115 7.78 -13.46 -11.82
N ASP A 116 7.90 -14.78 -11.97
CA ASP A 116 7.22 -15.51 -13.05
C ASP A 116 5.71 -15.60 -12.92
N ARG A 117 5.17 -15.10 -11.82
CA ARG A 117 3.75 -15.02 -11.64
C ARG A 117 3.22 -13.62 -11.88
N VAL A 118 4.12 -12.68 -12.05
CA VAL A 118 3.72 -11.30 -12.31
C VAL A 118 4.19 -10.86 -13.69
N LYS A 119 3.24 -10.55 -14.55
CA LYS A 119 3.54 -10.19 -15.93
C LYS A 119 4.05 -8.76 -16.05
N ALA A 120 3.45 -7.88 -15.24
CA ALA A 120 3.82 -6.48 -15.20
C ALA A 120 3.25 -5.84 -13.94
N TYR A 121 3.96 -4.85 -13.41
CA TYR A 121 3.63 -4.29 -12.10
C TYR A 121 3.49 -2.78 -12.24
N VAL A 122 2.29 -2.28 -11.94
CA VAL A 122 2.09 -0.85 -11.79
C VAL A 122 2.18 -0.54 -10.31
N CYS A 123 3.27 0.10 -9.93
CA CYS A 123 3.58 0.44 -8.57
C CYS A 123 3.36 1.87 -8.17
N LEU A 124 2.49 2.10 -7.22
CA LEU A 124 2.19 3.43 -6.80
C LEU A 124 2.79 3.79 -5.47
N SER A 125 3.30 5.00 -5.38
CA SER A 125 3.85 5.58 -4.17
C SER A 125 5.15 5.05 -3.62
N VAL A 126 5.21 3.78 -3.30
CA VAL A 126 6.38 3.23 -2.67
C VAL A 126 7.22 2.41 -3.59
N PRO A 127 8.42 2.86 -3.83
CA PRO A 127 9.33 2.10 -4.68
C PRO A 127 10.02 0.98 -3.90
N LEU A 128 10.82 0.18 -4.56
CA LEU A 128 11.43 -0.95 -3.86
C LEU A 128 12.18 -0.48 -2.61
N LEU A 129 12.02 -1.19 -1.50
CA LEU A 129 12.79 -0.83 -0.31
C LEU A 129 14.16 -1.48 -0.46
N HIS A 130 15.14 -0.69 -0.89
CA HIS A 130 16.50 -1.21 -1.09
C HIS A 130 17.06 -1.74 0.22
N ARG A 131 17.55 -2.98 0.21
CA ARG A 131 18.07 -3.57 1.44
C ARG A 131 19.53 -3.18 1.64
N ASP A 132 19.76 -2.22 2.52
CA ASP A 132 21.14 -1.81 2.84
C ASP A 132 21.64 -2.76 3.92
N PRO A 133 22.67 -3.55 3.59
CA PRO A 133 23.18 -4.57 4.52
C PRO A 133 23.74 -3.99 5.83
N ASN A 134 24.07 -2.70 5.83
CA ASN A 134 24.68 -2.09 7.02
C ASN A 134 23.71 -1.49 8.02
N ILE A 135 22.45 -1.33 7.63
CA ILE A 135 21.49 -0.70 8.54
C ILE A 135 20.06 -1.17 8.31
N ARG A 136 19.38 -1.54 9.39
CA ARG A 136 18.03 -2.08 9.27
C ARG A 136 17.13 -0.92 8.85
N THR A 137 16.04 -1.27 8.19
CA THR A 137 15.09 -0.32 7.65
C THR A 137 14.65 0.79 8.61
N VAL A 138 14.20 0.42 9.80
CA VAL A 138 13.62 1.40 10.69
C VAL A 138 14.71 2.17 11.44
N ASP A 139 15.87 1.52 11.63
CA ASP A 139 17.00 2.21 12.25
C ASP A 139 17.41 3.41 11.38
N ALA A 140 17.54 3.18 10.07
CA ALA A 140 17.86 4.26 9.14
C ALA A 140 16.87 5.40 9.21
N MET A 141 15.60 5.05 9.37
CA MET A 141 14.55 6.05 9.47
C MET A 141 14.69 6.86 10.76
N ARG A 142 15.02 6.18 11.86
CA ARG A 142 15.14 6.84 13.15
C ARG A 142 16.37 7.74 13.15
N ALA A 143 17.42 7.32 12.49
CA ALA A 143 18.58 8.11 12.47
C ALA A 143 18.32 9.41 11.76
N MET A 144 17.59 9.32 10.66
CA MET A 144 17.29 10.46 9.88
C MET A 144 16.32 11.45 10.46
N TYR A 145 15.23 10.98 10.98
CA TYR A 145 14.21 11.83 11.50
C TYR A 145 13.89 11.76 12.98
N GLY A 146 14.59 10.93 13.72
CA GLY A 146 14.37 10.79 15.15
C GLY A 146 13.11 10.04 15.53
N ASP A 147 12.81 10.07 16.82
CA ASP A 147 11.81 9.17 17.40
C ASP A 147 10.35 9.47 17.08
N ASP A 148 10.04 10.69 16.66
CA ASP A 148 8.62 11.02 16.46
C ASP A 148 8.16 10.89 15.03
N TYR A 149 9.08 10.45 14.17
CA TYR A 149 8.76 10.11 12.80
C TYR A 149 7.73 9.00 12.88
N TYR A 150 6.74 9.02 11.98
CA TYR A 150 5.53 8.22 12.21
C TYR A 150 5.82 6.73 12.30
N ILE A 151 6.72 6.25 11.49
CA ILE A 151 7.04 4.82 11.46
C ILE A 151 7.61 4.38 12.80
N CYS A 152 8.39 5.25 13.41
CA CYS A 152 9.00 5.04 14.68
C CYS A 152 7.98 4.97 15.73
N ARG A 153 7.05 5.88 15.69
CA ARG A 153 5.97 5.91 16.62
C ARG A 153 5.02 4.71 16.47
N PHE A 154 4.94 4.14 15.30
CA PHE A 154 4.16 2.97 15.03
C PHE A 154 4.67 1.67 15.66
N GLN A 155 5.96 1.59 15.92
CA GLN A 155 6.57 0.40 16.44
C GLN A 155 6.09 -0.16 17.79
N LYS A 156 5.84 0.66 18.80
CA LYS A 156 5.40 0.15 20.08
C LYS A 156 3.98 -0.34 20.16
N PRO A 157 3.80 -1.58 20.54
CA PRO A 157 2.47 -2.20 20.62
C PRO A 157 1.46 -1.43 21.47
N GLY A 158 0.27 -1.21 20.91
CA GLY A 158 -0.82 -0.58 21.63
C GLY A 158 -0.78 0.92 21.81
N GLU A 159 0.40 1.53 21.68
CA GLU A 159 0.52 2.96 21.93
C GLU A 159 -0.22 3.81 20.89
N MET A 160 0.18 3.69 19.62
CA MET A 160 -0.44 4.48 18.55
C MET A 160 -1.94 4.22 18.53
N GLU A 161 -2.34 2.98 18.80
CA GLU A 161 -3.76 2.63 18.88
C GLU A 161 -4.52 3.44 19.92
N ALA A 162 -3.92 3.65 21.09
CA ALA A 162 -4.57 4.42 22.15
C ALA A 162 -4.63 5.89 21.77
N GLN A 163 -3.57 6.38 21.12
CA GLN A 163 -3.54 7.79 20.74
C GLN A 163 -4.59 8.06 19.68
N MET A 164 -4.66 7.17 18.71
CA MET A 164 -5.65 7.29 17.67
C MET A 164 -7.04 7.13 18.26
N ALA A 165 -7.16 6.29 19.28
CA ALA A 165 -8.45 6.08 19.94
C ALA A 165 -8.91 7.37 20.60
N GLU A 166 -7.96 8.10 21.17
CA GLU A 166 -8.23 9.37 21.84
C GLU A 166 -8.80 10.47 20.93
N VAL A 167 -8.24 10.61 19.73
CA VAL A 167 -8.75 11.62 18.80
C VAL A 167 -9.94 11.13 17.97
N GLY A 168 -10.10 9.81 17.85
CA GLY A 168 -11.27 9.23 17.20
C GLY A 168 -10.91 8.69 15.84
N THR A 169 -11.63 7.65 15.42
CA THR A 169 -11.30 6.96 14.18
C THR A 169 -11.50 7.89 12.98
N GLU A 170 -12.61 8.61 12.99
CA GLU A 170 -12.92 9.50 11.89
C GLU A 170 -11.89 10.60 11.79
N TYR A 171 -11.41 11.10 12.92
CA TYR A 171 -10.43 12.15 12.89
C TYR A 171 -9.16 11.63 12.24
N VAL A 172 -8.71 10.45 12.68
CA VAL A 172 -7.48 9.84 12.18
C VAL A 172 -7.55 9.62 10.67
N LEU A 173 -8.68 9.05 10.21
CA LEU A 173 -8.81 8.71 8.80
C LEU A 173 -8.85 9.96 7.95
N LYS A 174 -9.68 10.94 8.31
CA LYS A 174 -9.67 12.23 7.62
C LYS A 174 -8.30 12.89 7.68
N ASN A 175 -7.73 12.98 8.88
CA ASN A 175 -6.39 13.55 9.06
C ASN A 175 -5.37 13.04 8.03
N ILE A 176 -5.32 11.73 7.85
CA ILE A 176 -4.36 11.08 6.94
C ILE A 176 -4.72 11.23 5.47
N LEU A 177 -5.94 10.84 5.12
CA LEU A 177 -6.43 10.91 3.73
C LEU A 177 -6.29 12.33 3.13
N THR A 178 -6.59 13.36 3.90
CA THR A 178 -6.55 14.73 3.36
C THR A 178 -5.19 15.38 3.30
N THR A 179 -4.15 14.71 3.80
CA THR A 179 -2.86 15.39 3.87
C THR A 179 -2.25 15.72 2.50
N ARG A 180 -1.71 16.94 2.38
CA ARG A 180 -1.01 17.35 1.16
C ARG A 180 0.33 18.00 1.51
N LYS A 181 0.67 17.98 2.79
CA LYS A 181 1.95 18.51 3.26
C LYS A 181 3.08 17.54 2.90
N PRO A 182 4.05 18.00 2.09
CA PRO A 182 5.17 17.12 1.73
C PRO A 182 6.13 16.90 2.91
N GLY A 183 7.03 15.93 2.78
CA GLY A 183 8.08 15.73 3.76
C GLY A 183 7.72 14.64 4.76
N PRO A 184 8.66 14.30 5.67
CA PRO A 184 8.43 13.27 6.69
C PRO A 184 7.30 13.64 7.64
N PRO A 185 6.33 12.73 7.80
CA PRO A 185 5.35 12.92 8.87
C PRO A 185 6.01 12.74 10.25
N ILE A 186 6.07 13.82 11.02
CA ILE A 186 6.62 13.82 12.39
C ILE A 186 5.49 14.17 13.32
N PHE A 187 5.20 13.31 14.29
CA PHE A 187 4.13 13.53 15.24
C PHE A 187 4.51 14.44 16.42
N PRO A 188 3.52 15.10 17.02
CA PRO A 188 3.73 15.78 18.30
C PRO A 188 4.04 14.74 19.39
N LYS A 189 4.78 15.11 20.42
CA LYS A 189 5.18 14.13 21.43
C LYS A 189 4.04 13.69 22.32
N GLY A 190 3.98 12.39 22.58
CA GLY A 190 3.01 11.82 23.50
C GLY A 190 1.56 11.76 23.09
N GLU A 191 1.24 12.21 21.88
CA GLU A 191 -0.16 12.18 21.44
C GLU A 191 -0.24 12.10 19.91
N TYR A 192 -1.43 11.86 19.38
CA TYR A 192 -1.66 11.97 17.93
C TYR A 192 -1.61 13.44 17.48
N GLY A 193 -2.36 14.29 18.17
CA GLY A 193 -2.40 15.71 17.85
C GLY A 193 -2.81 15.98 16.42
N THR A 194 -2.04 16.81 15.73
CA THR A 194 -2.32 17.12 14.34
C THR A 194 -1.85 16.00 13.41
N GLY A 195 -1.10 15.05 13.98
CA GLY A 195 -0.65 13.87 13.27
C GLY A 195 0.04 14.15 11.94
N PHE A 196 -0.50 13.59 10.86
CA PHE A 196 0.05 13.77 9.50
C PHE A 196 -0.29 15.09 8.82
N ASN A 197 -1.23 15.84 9.38
CA ASN A 197 -1.79 17.01 8.69
C ASN A 197 -2.17 18.14 9.65
N PRO A 198 -1.25 19.10 9.81
CA PRO A 198 -1.52 20.25 10.68
C PRO A 198 -2.52 21.24 10.06
N ASP A 199 -2.95 20.99 8.81
CA ASP A 199 -3.83 21.91 8.09
C ASP A 199 -5.03 21.22 7.51
N MET A 200 -5.77 20.47 8.33
CA MET A 200 -6.92 19.77 7.82
C MET A 200 -7.94 20.74 7.23
N PRO A 201 -8.49 20.41 6.06
CA PRO A 201 -9.57 21.21 5.46
C PRO A 201 -10.90 21.04 6.21
N ASN A 202 -11.75 22.06 6.17
CA ASN A 202 -13.07 21.92 6.75
C ASN A 202 -13.86 20.89 5.94
N SER A 203 -13.83 21.03 4.62
CA SER A 203 -14.55 20.07 3.80
C SER A 203 -13.60 19.12 3.11
N LEU A 204 -14.08 17.93 2.79
CA LEU A 204 -13.26 16.90 2.18
C LEU A 204 -12.87 17.38 0.78
N PRO A 205 -11.72 16.91 0.27
CA PRO A 205 -11.35 17.33 -1.08
C PRO A 205 -12.30 16.65 -2.06
N SER A 206 -12.33 17.11 -3.30
CA SER A 206 -13.35 16.70 -4.25
C SER A 206 -13.22 15.25 -4.66
N TRP A 207 -12.11 14.59 -4.32
CA TRP A 207 -11.98 13.19 -4.71
C TRP A 207 -12.50 12.24 -3.62
N LEU A 208 -13.05 12.79 -2.55
CA LEU A 208 -13.47 11.96 -1.43
C LEU A 208 -14.82 12.41 -0.89
N THR A 209 -15.85 11.60 -1.12
CA THR A 209 -17.18 11.97 -0.66
C THR A 209 -17.35 11.57 0.80
N GLN A 210 -18.33 12.16 1.46
CA GLN A 210 -18.62 11.84 2.86
C GLN A 210 -18.96 10.35 3.01
N ASP A 211 -19.65 9.79 2.02
CA ASP A 211 -19.90 8.35 1.98
C ASP A 211 -18.60 7.54 1.86
N ASP A 212 -17.60 8.07 1.17
CA ASP A 212 -16.32 7.35 1.08
C ASP A 212 -15.67 7.29 2.45
N LEU A 213 -15.50 8.45 3.07
CA LEU A 213 -14.92 8.53 4.41
C LEU A 213 -15.73 7.70 5.39
N ALA A 214 -17.05 7.68 5.22
CA ALA A 214 -17.92 6.90 6.11
C ALA A 214 -17.67 5.40 5.94
N TYR A 215 -17.40 4.95 4.71
CA TYR A 215 -17.10 3.54 4.50
C TYR A 215 -15.84 3.15 5.26
N TYR A 216 -14.78 3.95 5.11
CA TYR A 216 -13.51 3.69 5.78
C TYR A 216 -13.73 3.61 7.28
N VAL A 217 -14.41 4.63 7.82
CA VAL A 217 -14.69 4.71 9.24
C VAL A 217 -15.46 3.47 9.75
N SER A 218 -16.49 3.06 9.01
CA SER A 218 -17.32 1.94 9.41
C SER A 218 -16.55 0.62 9.62
N LYS A 219 -15.46 0.43 8.86
CA LYS A 219 -14.64 -0.76 9.03
C LYS A 219 -13.61 -0.58 10.13
N TYR A 220 -12.94 0.57 10.15
CA TYR A 220 -11.94 0.82 11.18
C TYR A 220 -12.52 0.94 12.59
N GLU A 221 -13.77 1.35 12.67
CA GLU A 221 -14.48 1.37 13.95
C GLU A 221 -14.54 -0.04 14.46
N LYS A 222 -14.69 -0.99 13.54
CA LYS A 222 -14.84 -2.40 13.87
C LYS A 222 -13.50 -3.11 14.11
N THR A 223 -12.54 -2.91 13.22
CA THR A 223 -11.28 -3.66 13.28
C THR A 223 -10.22 -2.99 14.13
N GLY A 224 -10.35 -1.68 14.36
CA GLY A 224 -9.26 -0.90 14.90
C GLY A 224 -8.10 -0.85 13.93
N PHE A 225 -6.95 -0.41 14.42
CA PHE A 225 -5.76 -0.18 13.60
C PHE A 225 -4.65 -1.18 13.86
N THR A 226 -4.86 -2.14 14.76
CA THR A 226 -3.76 -3.01 15.17
C THR A 226 -3.12 -3.80 14.04
N GLY A 227 -3.93 -4.54 13.29
CA GLY A 227 -3.40 -5.33 12.19
C GLY A 227 -2.59 -4.51 11.18
N PRO A 228 -3.16 -3.41 10.69
CA PRO A 228 -2.42 -2.54 9.76
C PRO A 228 -1.12 -1.99 10.35
N LEU A 229 -1.15 -1.53 11.60
CA LEU A 229 0.06 -1.06 12.27
C LEU A 229 1.09 -2.17 12.40
N ASN A 230 0.60 -3.40 12.62
CA ASN A 230 1.53 -4.53 12.76
C ASN A 230 2.47 -4.69 11.58
N TYR A 231 2.03 -4.25 10.40
CA TYR A 231 2.89 -4.35 9.23
C TYR A 231 4.19 -3.61 9.46
N TYR A 232 4.10 -2.38 9.98
CA TYR A 232 5.27 -1.55 10.22
C TYR A 232 6.15 -2.17 11.30
N ARG A 233 5.51 -2.83 12.25
CA ARG A 233 6.22 -3.46 13.38
C ARG A 233 7.08 -4.69 12.97
N ASN A 234 6.97 -5.11 11.71
CA ASN A 234 7.80 -6.18 11.19
C ASN A 234 8.84 -5.73 10.17
N MET A 235 8.95 -4.43 9.94
CA MET A 235 9.92 -3.94 8.94
C MET A 235 11.35 -4.35 9.20
N ASN A 236 11.81 -4.25 10.44
CA ASN A 236 13.16 -4.73 10.75
C ASN A 236 13.26 -6.25 10.62
N LEU A 237 12.24 -6.96 11.08
CA LEU A 237 12.22 -8.42 10.93
C LEU A 237 12.23 -8.78 9.45
N ASN A 238 11.46 -8.05 8.64
CA ASN A 238 11.50 -8.25 7.18
C ASN A 238 12.91 -8.02 6.63
N TRP A 239 13.60 -7.04 7.18
CA TRP A 239 14.95 -6.74 6.74
C TRP A 239 15.86 -7.93 7.07
N GLU A 240 15.69 -8.49 8.26
CA GLU A 240 16.47 -9.67 8.63
C GLU A 240 16.15 -10.85 7.72
N LEU A 241 14.86 -11.17 7.56
CA LEU A 241 14.46 -12.36 6.80
C LEU A 241 14.75 -12.31 5.32
N THR A 242 14.86 -11.12 4.75
CA THR A 242 15.14 -10.97 3.33
C THR A 242 16.63 -10.99 3.01
N ALA A 243 17.46 -11.31 4.00
CA ALA A 243 18.90 -11.45 3.75
C ALA A 243 19.28 -12.33 2.55
N PRO A 244 18.56 -13.44 2.29
CA PRO A 244 18.98 -14.22 1.13
C PRO A 244 18.89 -13.47 -0.18
N TRP A 245 18.11 -12.38 -0.23
CA TRP A 245 17.93 -11.64 -1.49
C TRP A 245 18.77 -10.37 -1.56
N SER A 246 19.56 -10.11 -0.51
CA SER A 246 20.51 -9.00 -0.50
C SER A 246 21.23 -8.91 -1.84
N GLY A 247 21.25 -7.70 -2.43
CA GLY A 247 21.93 -7.47 -3.68
C GLY A 247 21.22 -7.97 -4.92
N GLY A 248 19.98 -8.43 -4.77
CA GLY A 248 19.28 -9.00 -5.91
C GLY A 248 18.57 -7.97 -6.76
N LYS A 249 18.18 -8.36 -7.97
CA LYS A 249 17.45 -7.48 -8.87
C LYS A 249 16.05 -8.00 -9.19
N ILE A 250 15.12 -7.09 -9.46
CA ILE A 250 13.77 -7.48 -9.84
C ILE A 250 13.67 -7.43 -11.35
N GLN A 251 13.18 -8.51 -11.96
CA GLN A 251 13.13 -8.60 -13.41
C GLN A 251 11.77 -8.22 -14.01
N VAL A 252 10.75 -8.23 -13.18
CA VAL A 252 9.39 -7.85 -13.58
C VAL A 252 9.37 -6.42 -14.12
N PRO A 253 8.79 -6.23 -15.32
CA PRO A 253 8.52 -4.93 -15.94
C PRO A 253 7.69 -4.03 -15.01
N VAL A 254 8.14 -2.79 -14.76
CA VAL A 254 7.51 -1.91 -13.79
C VAL A 254 7.16 -0.52 -14.32
N LYS A 255 5.98 -0.05 -13.96
CA LYS A 255 5.63 1.34 -14.15
C LYS A 255 5.43 1.97 -12.75
N PHE A 256 6.32 2.88 -12.38
CA PHE A 256 6.22 3.57 -11.09
C PHE A 256 5.48 4.89 -11.22
N ILE A 257 4.50 5.10 -10.38
CA ILE A 257 3.75 6.34 -10.37
C ILE A 257 3.56 6.95 -9.00
N THR A 258 3.91 8.20 -8.85
CA THR A 258 3.70 8.89 -7.58
C THR A 258 3.15 10.28 -7.70
N GLY A 259 2.41 10.68 -6.70
CA GLY A 259 1.99 12.04 -6.58
C GLY A 259 3.24 12.82 -6.17
N GLU A 260 3.38 14.01 -6.70
CA GLU A 260 4.47 14.92 -6.38
C GLU A 260 4.48 15.38 -4.90
N LEU A 261 3.31 15.46 -4.30
CA LEU A 261 3.22 15.87 -2.92
C LEU A 261 3.20 14.69 -1.89
N ASP A 262 3.45 13.49 -2.36
CA ASP A 262 3.46 12.32 -1.51
C ASP A 262 4.53 12.46 -0.45
N ASN A 263 4.20 12.20 0.80
CA ASN A 263 5.22 12.27 1.83
C ASN A 263 6.33 11.29 1.54
N VAL A 264 6.03 10.21 0.87
CA VAL A 264 7.04 9.23 0.57
C VAL A 264 8.04 9.79 -0.44
N TYR A 265 7.53 10.36 -1.52
CA TYR A 265 8.37 10.95 -2.56
C TYR A 265 9.23 12.07 -1.99
N THR A 266 8.67 12.79 -1.03
CA THR A 266 9.28 14.00 -0.49
C THR A 266 10.06 13.77 0.81
N SER A 267 10.58 12.55 1.01
CA SER A 267 11.33 12.21 2.22
C SER A 267 12.23 10.99 2.03
N LEU A 268 12.96 10.61 3.09
CA LEU A 268 13.79 9.40 3.11
C LEU A 268 14.73 9.29 1.92
N ASN A 269 15.07 10.42 1.35
CA ASN A 269 15.94 10.47 0.22
C ASN A 269 15.40 9.70 -0.95
N MET A 270 14.10 9.67 -1.05
CA MET A 270 13.44 8.97 -2.07
C MET A 270 13.70 9.51 -3.47
N LYS A 271 13.76 10.83 -3.59
CA LYS A 271 13.96 11.42 -4.90
C LYS A 271 15.27 10.97 -5.48
N GLU A 272 16.29 10.93 -4.66
CA GLU A 272 17.59 10.48 -5.08
C GLU A 272 17.58 9.03 -5.48
N TYR A 273 16.94 8.19 -4.71
CA TYR A 273 16.83 6.79 -5.09
C TYR A 273 16.04 6.66 -6.39
N ILE A 274 14.80 7.14 -6.37
CA ILE A 274 13.93 7.05 -7.55
C ILE A 274 14.59 7.54 -8.85
N HIS A 275 15.17 8.74 -8.79
CA HIS A 275 15.66 9.42 -10.00
C HIS A 275 17.17 9.29 -10.25
N GLY A 276 17.95 9.05 -9.21
CA GLY A 276 19.40 9.11 -9.30
C GLY A 276 20.10 7.88 -9.83
N GLY A 277 19.34 6.83 -10.14
CA GLY A 277 19.90 5.60 -10.69
C GLY A 277 19.67 4.37 -9.83
N GLY A 278 19.52 4.54 -8.53
CA GLY A 278 19.37 3.38 -7.68
C GLY A 278 18.19 2.49 -7.95
N PHE A 279 17.02 3.09 -8.15
CA PHE A 279 15.82 2.35 -8.41
C PHE A 279 15.93 1.55 -9.69
N LYS A 280 16.43 2.18 -10.72
CA LYS A 280 16.63 1.54 -12.01
C LYS A 280 17.63 0.41 -11.96
N GLN A 281 18.61 0.55 -11.09
CA GLN A 281 19.62 -0.49 -10.95
C GLN A 281 19.10 -1.71 -10.20
N ASP A 282 18.32 -1.49 -9.15
CA ASP A 282 17.67 -2.59 -8.44
C ASP A 282 16.61 -3.23 -9.34
N VAL A 283 16.00 -2.43 -10.20
CA VAL A 283 14.87 -2.87 -11.01
C VAL A 283 15.10 -2.55 -12.51
N PRO A 284 15.85 -3.41 -13.20
CA PRO A 284 16.34 -3.18 -14.57
C PRO A 284 15.25 -2.96 -15.60
N ASN A 285 14.05 -3.48 -15.35
CA ASN A 285 12.97 -3.28 -16.30
C ASN A 285 11.93 -2.28 -15.83
N LEU A 286 12.40 -1.32 -15.05
CA LEU A 286 11.63 -0.13 -14.75
C LEU A 286 11.50 0.73 -16.01
N GLU A 287 10.32 0.69 -16.63
CA GLU A 287 10.14 1.29 -17.95
C GLU A 287 9.81 2.76 -17.87
N GLU A 288 9.14 3.18 -16.81
CA GLU A 288 8.70 4.57 -16.74
C GLU A 288 8.52 5.04 -15.31
N VAL A 289 8.73 6.33 -15.12
CA VAL A 289 8.51 6.96 -13.84
C VAL A 289 7.62 8.16 -14.08
N ILE A 290 6.47 8.18 -13.44
CA ILE A 290 5.52 9.27 -13.61
C ILE A 290 5.30 9.98 -12.31
N VAL A 291 5.50 11.29 -12.32
CA VAL A 291 5.22 12.08 -11.15
C VAL A 291 4.01 12.91 -11.48
N GLN A 292 3.00 12.83 -10.65
CA GLN A 292 1.77 13.58 -10.89
C GLN A 292 1.74 14.92 -10.14
N LYS A 293 1.81 16.00 -10.91
CA LYS A 293 1.81 17.33 -10.34
C LYS A 293 0.53 17.62 -9.58
N ASN A 294 0.70 18.23 -8.42
CA ASN A 294 -0.38 18.62 -7.53
C ASN A 294 -1.28 17.51 -7.05
N VAL A 295 -0.69 16.34 -6.91
CA VAL A 295 -1.36 15.14 -6.46
C VAL A 295 -0.58 14.66 -5.27
N ALA A 296 -1.35 14.33 -4.23
CA ALA A 296 -0.91 13.82 -2.94
C ALA A 296 -0.77 12.30 -2.92
N HIS A 297 -0.38 11.78 -1.77
CA HIS A 297 -0.16 10.36 -1.57
C HIS A 297 -1.19 9.40 -2.16
N PHE A 298 -2.46 9.71 -2.03
CA PHE A 298 -3.48 8.81 -2.47
C PHE A 298 -3.83 8.99 -3.91
N ASN A 299 -2.85 8.76 -4.77
CA ASN A 299 -3.00 9.06 -6.18
C ASN A 299 -4.01 8.22 -6.97
N ASN A 300 -4.22 6.97 -6.60
CA ASN A 300 -5.25 6.19 -7.27
C ASN A 300 -6.67 6.69 -7.00
N GLN A 301 -6.85 7.41 -5.91
CA GLN A 301 -8.13 8.03 -5.65
C GLN A 301 -8.18 9.47 -6.15
N GLU A 302 -7.12 10.24 -5.89
CA GLU A 302 -7.07 11.65 -6.24
C GLU A 302 -7.00 11.90 -7.74
N ALA A 303 -6.35 10.99 -8.46
CA ALA A 303 -6.17 11.10 -9.91
C ALA A 303 -6.64 9.82 -10.57
N ALA A 304 -7.87 9.41 -10.24
CA ALA A 304 -8.34 8.06 -10.50
C ALA A 304 -8.32 7.71 -11.98
N GLU A 305 -8.93 8.54 -12.81
CA GLU A 305 -9.02 8.28 -14.24
C GLU A 305 -7.65 8.26 -14.89
N GLU A 306 -6.79 9.18 -14.44
CA GLU A 306 -5.44 9.21 -14.92
C GLU A 306 -4.68 7.92 -14.60
N ILE A 307 -4.85 7.42 -13.39
CA ILE A 307 -4.26 6.13 -13.02
C ILE A 307 -4.91 4.97 -13.79
N ASN A 308 -6.24 4.97 -13.87
CA ASN A 308 -6.96 4.00 -14.67
C ASN A 308 -6.31 3.93 -16.06
N ASN A 309 -6.11 5.08 -16.70
CA ASN A 309 -5.47 5.11 -18.02
C ASN A 309 -4.04 4.57 -18.02
N HIS A 310 -3.26 4.96 -17.01
CA HIS A 310 -1.87 4.53 -16.94
C HIS A 310 -1.78 3.02 -16.75
N ILE A 311 -2.72 2.45 -16.00
CA ILE A 311 -2.76 1.00 -15.79
C ILE A 311 -3.19 0.28 -17.07
N TYR A 312 -4.35 0.68 -17.61
CA TYR A 312 -4.87 0.14 -18.88
C TYR A 312 -3.81 0.20 -19.99
N ASP A 313 -3.26 1.36 -20.24
CA ASP A 313 -2.29 1.50 -21.29
C ASP A 313 -1.07 0.63 -21.05
N PHE A 314 -0.65 0.49 -19.82
CA PHE A 314 0.53 -0.30 -19.53
C PHE A 314 0.31 -1.80 -19.72
N ILE A 315 -0.77 -2.33 -19.16
CA ILE A 315 -0.99 -3.77 -19.24
C ILE A 315 -1.42 -4.23 -20.64
N LYS A 316 -2.16 -3.39 -21.36
CA LYS A 316 -2.57 -3.74 -22.73
C LYS A 316 -1.36 -3.88 -23.68
N LYS A 317 -0.22 -3.32 -23.28
CA LYS A 317 1.08 -3.46 -23.96
C LYS A 317 1.52 -4.91 -24.11
N PHE A 318 0.99 -5.78 -23.27
CA PHE A 318 1.53 -7.13 -23.12
C PHE A 318 0.60 -8.23 -23.65
#